data_5IH0
#
_entry.id   5IH0
#
_cell.length_a   39.920
_cell.length_b   80.090
_cell.length_c   96.710
_cell.angle_alpha   90.000
_cell.angle_beta   90.000
_cell.angle_gamma   90.000
#
_symmetry.space_group_name_H-M   'P 21 21 21'
#
loop_
_entity.id
_entity.type
_entity.pdbx_description
1 polymer "Macrolide 2'-phosphotransferase II"
2 non-polymer 'MAGNESIUM ION'
3 non-polymer 'ACETATE ION'
4 non-polymer "GUANOSINE-5'-DIPHOSPHATE"
5 non-polymer 'ERYTHROMYCIN A'
6 water water
#
_entity_poly.entity_id   1
_entity_poly.type   'polypeptide(L)'
_entity_poly.pdbx_seq_one_letter_code
;MSKDIKQVIEIAKKHNLFLKEETIQFNESGLDFQAVFAQDNNGIDWVLRLPRREDVMPRTKVEKQALDLVNKYAISFQAP
NWIIYTEELIAMKKLDGVPAGTIDHNIGNYIWEIDINNVPELFHKSLGRVLAELHSIPSNKAAALDLVVHTPEEARMSMK
QRMDAVRAKFGVGENLWNRWQAWLNDDDMWPKKTGLIHGDVHAGHTMIDKDANVTGLIDWTEAKVTDVSHDFIFNYRAFG
EEGLEALILAYKEIGGYYWPKMKEHIIELNAAYPVSIAEFALVSGIEEYEQMAKEALEVQGS
;
_entity_poly.pdbx_strand_id   A
#
loop_
_chem_comp.id
_chem_comp.type
_chem_comp.name
_chem_comp.formula
ACT non-polymer 'ACETATE ION' 'C2 H3 O2 -1'
ERY non-polymer 'ERYTHROMYCIN A' 'C37 H67 N O13'
GDP RNA linking GUANOSINE-5'-DIPHOSPHATE 'C10 H15 N5 O11 P2'
MG non-polymer 'MAGNESIUM ION' 'Mg 2'
#
# COMPACT_ATOMS: atom_id res chain seq x y z
N MET A 1 5.45 -16.47 -25.78
CA MET A 1 5.28 -15.02 -25.50
C MET A 1 4.68 -14.29 -26.70
N SER A 2 5.07 -14.69 -27.90
CA SER A 2 4.50 -14.13 -29.12
C SER A 2 2.98 -14.23 -29.06
N LYS A 3 2.50 -15.41 -28.67
CA LYS A 3 1.08 -15.64 -28.44
C LYS A 3 0.47 -14.54 -27.59
N ASP A 4 1.14 -14.23 -26.47
CA ASP A 4 0.58 -13.32 -25.48
C ASP A 4 0.71 -11.88 -25.95
N ILE A 5 1.81 -11.59 -26.64
CA ILE A 5 2.07 -10.25 -27.13
C ILE A 5 1.05 -9.83 -28.16
N LYS A 6 0.66 -10.77 -29.02
CA LYS A 6 -0.34 -10.49 -30.05
C LYS A 6 -1.70 -10.23 -29.42
N GLN A 7 -2.01 -10.95 -28.34
CA GLN A 7 -3.26 -10.76 -27.64
C GLN A 7 -3.28 -9.41 -26.94
N VAL A 8 -2.16 -9.05 -26.33
CA VAL A 8 -2.02 -7.75 -25.68
C VAL A 8 -2.27 -6.65 -26.70
N ILE A 9 -1.60 -6.75 -27.85
CA ILE A 9 -1.74 -5.77 -28.91
C ILE A 9 -3.19 -5.70 -29.39
N GLU A 10 -3.77 -6.88 -29.62
CA GLU A 10 -5.17 -6.98 -30.04
C GLU A 10 -6.10 -6.35 -29.02
N ILE A 11 -5.90 -6.69 -27.74
CA ILE A 11 -6.74 -6.20 -26.67
C ILE A 11 -6.61 -4.68 -26.55
N ALA A 12 -5.38 -4.19 -26.64
CA ALA A 12 -5.12 -2.76 -26.51
C ALA A 12 -5.71 -2.02 -27.70
N LYS A 13 -5.46 -2.53 -28.90
CA LYS A 13 -5.99 -1.93 -30.12
C LYS A 13 -7.50 -1.80 -30.01
N LYS A 14 -8.13 -2.79 -29.39
CA LYS A 14 -9.58 -2.81 -29.20
C LYS A 14 -10.03 -1.65 -28.33
N HIS A 15 -9.13 -1.14 -27.49
CA HIS A 15 -9.43 0.00 -26.63
C HIS A 15 -8.70 1.25 -27.10
N ASN A 16 -8.30 1.25 -28.36
CA ASN A 16 -7.67 2.41 -29.00
C ASN A 16 -6.34 2.78 -28.37
N LEU A 17 -5.62 1.75 -27.92
CA LEU A 17 -4.28 1.92 -27.38
C LEU A 17 -3.32 1.16 -28.29
N PHE A 18 -2.36 1.87 -28.87
CA PHE A 18 -1.50 1.30 -29.89
C PHE A 18 -0.06 1.23 -29.40
N LEU A 19 0.41 0.00 -29.20
CA LEU A 19 1.66 -0.24 -28.49
C LEU A 19 2.79 -0.60 -29.43
N LYS A 20 4.01 -0.26 -29.02
CA LYS A 20 5.20 -0.68 -29.72
C LYS A 20 5.51 -2.10 -29.30
N GLU A 21 5.21 -3.04 -30.18
CA GLU A 21 5.31 -4.46 -29.90
C GLU A 21 6.60 -4.85 -29.16
N GLU A 22 7.69 -4.21 -29.52
CA GLU A 22 9.01 -4.59 -29.01
C GLU A 22 9.28 -4.06 -27.60
N THR A 23 8.31 -3.35 -27.02
CA THR A 23 8.48 -2.80 -25.67
C THR A 23 7.61 -3.53 -24.67
N ILE A 24 6.75 -4.41 -25.15
CA ILE A 24 5.83 -5.14 -24.29
C ILE A 24 6.60 -6.11 -23.39
N GLN A 25 6.42 -5.95 -22.08
CA GLN A 25 7.08 -6.82 -21.11
C GLN A 25 6.05 -7.27 -20.09
N PHE A 26 6.14 -8.53 -19.68
CA PHE A 26 5.20 -9.09 -18.73
C PHE A 26 5.79 -9.16 -17.33
N ASN A 27 5.04 -8.66 -16.36
CA ASN A 27 5.42 -8.73 -14.96
C ASN A 27 5.06 -10.09 -14.39
N GLU A 28 5.76 -10.53 -13.35
CA GLU A 28 5.38 -11.75 -12.64
C GLU A 28 4.20 -11.43 -11.73
N SER A 29 3.00 -11.67 -12.23
CA SER A 29 1.79 -11.21 -11.54
C SER A 29 1.08 -12.30 -10.75
N GLY A 30 -0.06 -11.93 -10.16
CA GLY A 30 -0.76 -12.82 -9.24
C GLY A 30 -2.02 -13.44 -9.81
N LEU A 31 -2.97 -13.70 -8.92
CA LEU A 31 -4.19 -14.44 -9.26
C LEU A 31 -5.37 -13.54 -9.59
N ASP A 32 -5.13 -12.22 -9.62
CA ASP A 32 -6.20 -11.28 -9.98
C ASP A 32 -6.01 -10.76 -11.40
N PHE A 33 -4.77 -10.45 -11.77
CA PHE A 33 -4.51 -9.92 -13.09
C PHE A 33 -3.04 -10.05 -13.48
N GLN A 34 -2.75 -9.89 -14.76
N GLN A 34 -2.77 -9.85 -14.76
CA GLN A 34 -1.38 -9.88 -15.23
CA GLN A 34 -1.42 -9.86 -15.29
C GLN A 34 -0.99 -8.46 -15.62
C GLN A 34 -0.98 -8.44 -15.63
N ALA A 35 0.06 -7.95 -14.97
CA ALA A 35 0.56 -6.61 -15.24
C ALA A 35 1.47 -6.64 -16.46
N VAL A 36 1.24 -5.71 -17.38
CA VAL A 36 2.03 -5.62 -18.58
C VAL A 36 2.52 -4.19 -18.75
N PHE A 37 3.77 -4.04 -19.17
CA PHE A 37 4.33 -2.73 -19.45
C PHE A 37 4.59 -2.61 -20.93
N ALA A 38 4.26 -1.46 -21.48
CA ALA A 38 4.47 -1.20 -22.90
C ALA A 38 4.49 0.30 -23.14
N GLN A 39 5.16 0.70 -24.20
CA GLN A 39 5.19 2.11 -24.60
C GLN A 39 4.30 2.27 -25.82
N ASP A 40 3.56 3.37 -25.88
CA ASP A 40 2.66 3.61 -27.00
C ASP A 40 3.33 4.41 -28.12
N ASN A 41 2.59 4.62 -29.20
CA ASN A 41 3.09 5.31 -30.38
C ASN A 41 3.40 6.79 -30.16
N ASN A 42 2.87 7.34 -29.08
CA ASN A 42 3.13 8.74 -28.74
C ASN A 42 4.39 8.87 -27.89
N GLY A 43 4.97 7.74 -27.50
CA GLY A 43 6.17 7.72 -26.70
C GLY A 43 5.89 7.67 -25.21
N ILE A 44 4.64 7.40 -24.84
CA ILE A 44 4.22 7.39 -23.45
C ILE A 44 4.21 5.98 -22.87
N ASP A 45 4.73 5.83 -21.66
CA ASP A 45 4.76 4.54 -20.99
C ASP A 45 3.43 4.24 -20.32
N TRP A 46 2.97 3.00 -20.51
CA TRP A 46 1.70 2.55 -19.96
C TRP A 46 1.86 1.31 -19.08
N VAL A 47 0.93 1.16 -18.14
CA VAL A 47 0.79 -0.07 -17.39
C VAL A 47 -0.60 -0.65 -17.69
N LEU A 48 -0.63 -1.91 -18.10
CA LEU A 48 -1.88 -2.59 -18.42
C LEU A 48 -2.13 -3.70 -17.41
N ARG A 49 -3.41 -3.90 -17.07
CA ARG A 49 -3.82 -5.03 -16.24
C ARG A 49 -4.73 -5.93 -17.05
N LEU A 50 -4.27 -7.13 -17.36
CA LEU A 50 -5.09 -8.12 -18.03
C LEU A 50 -5.78 -8.95 -16.96
N PRO A 51 -7.12 -8.86 -16.89
CA PRO A 51 -7.84 -9.53 -15.80
C PRO A 51 -7.76 -11.05 -15.87
N ARG A 52 -7.62 -11.68 -14.71
CA ARG A 52 -7.55 -13.14 -14.61
C ARG A 52 -8.74 -13.72 -13.82
N ARG A 53 -9.65 -12.85 -13.40
CA ARG A 53 -10.84 -13.28 -12.67
C ARG A 53 -12.08 -12.57 -13.17
N GLU A 54 -13.25 -13.14 -12.86
CA GLU A 54 -14.51 -12.52 -13.24
C GLU A 54 -14.87 -11.39 -12.28
N ASP A 55 -15.92 -10.65 -12.61
CA ASP A 55 -16.42 -9.57 -11.75
C ASP A 55 -15.35 -8.50 -11.50
N VAL A 56 -14.74 -8.01 -12.58
CA VAL A 56 -13.72 -6.98 -12.48
C VAL A 56 -14.26 -5.71 -11.82
N MET A 57 -15.47 -5.29 -12.19
CA MET A 57 -15.98 -4.01 -11.68
C MET A 57 -16.30 -4.06 -10.19
N PRO A 58 -17.06 -5.06 -9.73
CA PRO A 58 -17.28 -5.14 -8.29
C PRO A 58 -15.97 -5.24 -7.50
N ARG A 59 -15.00 -5.98 -8.03
CA ARG A 59 -13.75 -6.20 -7.30
C ARG A 59 -12.82 -4.99 -7.31
N THR A 60 -13.02 -4.07 -8.25
CA THR A 60 -12.15 -2.89 -8.35
C THR A 60 -12.83 -1.60 -7.88
N LYS A 61 -14.09 -1.69 -7.48
CA LYS A 61 -14.88 -0.51 -7.15
C LYS A 61 -14.23 0.34 -6.06
N VAL A 62 -13.81 -0.31 -4.97
CA VAL A 62 -13.19 0.41 -3.85
C VAL A 62 -11.89 1.08 -4.28
N GLU A 63 -11.01 0.34 -4.96
CA GLU A 63 -9.76 0.92 -5.42
C GLU A 63 -9.99 2.12 -6.34
N LYS A 64 -10.98 2.02 -7.23
CA LYS A 64 -11.25 3.10 -8.16
C LYS A 64 -11.78 4.33 -7.43
N GLN A 65 -12.58 4.11 -6.39
CA GLN A 65 -13.09 5.20 -5.57
C GLN A 65 -11.96 5.93 -4.84
N ALA A 66 -10.97 5.16 -4.39
CA ALA A 66 -9.81 5.73 -3.72
C ALA A 66 -9.01 6.57 -4.70
N LEU A 67 -8.78 6.01 -5.88
CA LEU A 67 -8.04 6.71 -6.92
C LEU A 67 -8.76 7.98 -7.33
N ASP A 68 -10.09 7.91 -7.42
CA ASP A 68 -10.88 9.08 -7.79
C ASP A 68 -10.66 10.21 -6.77
N LEU A 69 -10.62 9.84 -5.49
CA LEU A 69 -10.39 10.81 -4.42
C LEU A 69 -9.01 11.45 -4.53
N VAL A 70 -7.99 10.62 -4.65
CA VAL A 70 -6.62 11.11 -4.69
C VAL A 70 -6.37 11.97 -5.93
N ASN A 71 -6.87 11.52 -7.07
CA ASN A 71 -6.69 12.28 -8.30
C ASN A 71 -7.42 13.62 -8.22
N LYS A 72 -8.51 13.66 -7.45
CA LYS A 72 -9.31 14.87 -7.29
C LYS A 72 -8.62 15.90 -6.40
N TYR A 73 -8.02 15.43 -5.31
CA TYR A 73 -7.58 16.32 -4.25
C TYR A 73 -6.07 16.54 -4.13
N ALA A 74 -5.29 15.50 -4.43
CA ALA A 74 -3.85 15.53 -4.12
C ALA A 74 -3.00 16.10 -5.26
N ILE A 75 -2.02 16.92 -4.90
CA ILE A 75 -1.09 17.48 -5.87
C ILE A 75 0.38 17.11 -5.60
N SER A 76 0.69 16.67 -4.38
CA SER A 76 2.09 16.41 -4.02
C SER A 76 2.57 15.06 -4.51
N PHE A 77 1.64 14.21 -4.93
CA PHE A 77 2.01 12.93 -5.50
C PHE A 77 1.08 12.52 -6.64
N GLN A 78 1.64 11.75 -7.57
CA GLN A 78 0.88 11.12 -8.65
C GLN A 78 0.26 9.83 -8.15
N ALA A 79 -0.90 9.48 -8.72
CA ALA A 79 -1.52 8.19 -8.46
C ALA A 79 -2.07 7.68 -9.78
N PRO A 80 -2.25 6.36 -9.91
CA PRO A 80 -2.75 5.84 -11.19
C PRO A 80 -4.10 6.46 -11.58
N ASN A 81 -4.26 6.71 -12.87
CA ASN A 81 -5.52 7.17 -13.40
C ASN A 81 -5.95 6.24 -14.52
N TRP A 82 -7.02 5.49 -14.28
CA TRP A 82 -7.45 4.44 -15.19
C TRP A 82 -8.19 5.01 -16.39
N ILE A 83 -7.43 5.47 -17.38
CA ILE A 83 -8.00 6.05 -18.59
C ILE A 83 -8.82 5.02 -19.35
N ILE A 84 -8.33 3.78 -19.33
CA ILE A 84 -9.07 2.66 -19.89
C ILE A 84 -9.51 1.76 -18.74
N TYR A 85 -10.81 1.53 -18.65
CA TYR A 85 -11.37 0.81 -17.51
C TYR A 85 -12.58 -0.01 -17.96
N THR A 86 -12.35 -1.26 -18.29
CA THR A 86 -13.41 -2.17 -18.73
C THR A 86 -13.16 -3.55 -18.14
N GLU A 87 -14.09 -4.48 -18.38
CA GLU A 87 -13.94 -5.84 -17.87
C GLU A 87 -12.81 -6.57 -18.59
N GLU A 88 -12.42 -6.08 -19.77
CA GLU A 88 -11.40 -6.75 -20.57
C GLU A 88 -10.00 -6.16 -20.39
N LEU A 89 -9.92 -4.91 -19.93
CA LEU A 89 -8.63 -4.24 -19.79
C LEU A 89 -8.71 -3.02 -18.88
N ILE A 90 -7.75 -2.92 -17.97
CA ILE A 90 -7.54 -1.68 -17.24
C ILE A 90 -6.16 -1.17 -17.64
N ALA A 91 -6.10 0.07 -18.09
CA ALA A 91 -4.82 0.64 -18.51
C ALA A 91 -4.66 2.07 -18.01
N MET A 92 -3.42 2.42 -17.71
CA MET A 92 -3.10 3.70 -17.13
C MET A 92 -1.68 4.09 -17.52
N LYS A 93 -1.42 5.39 -17.60
CA LYS A 93 -0.06 5.83 -17.84
C LYS A 93 0.82 5.50 -16.64
N LYS A 94 2.03 5.05 -16.92
CA LYS A 94 3.02 4.77 -15.92
C LYS A 94 3.39 6.05 -15.17
N LEU A 95 3.45 5.97 -13.84
CA LEU A 95 3.87 7.11 -13.05
C LEU A 95 5.35 7.39 -13.31
N ASP A 96 5.80 8.59 -12.97
CA ASP A 96 7.20 8.93 -13.12
C ASP A 96 8.03 8.20 -12.08
N GLY A 97 9.33 8.10 -12.31
CA GLY A 97 10.24 7.57 -11.33
C GLY A 97 10.28 6.05 -11.29
N VAL A 98 10.96 5.53 -10.27
CA VAL A 98 11.11 4.09 -10.09
C VAL A 98 10.76 3.73 -8.65
N PRO A 99 10.39 2.46 -8.42
CA PRO A 99 10.14 2.05 -7.03
C PRO A 99 11.41 2.19 -6.20
N ALA A 100 11.27 2.62 -4.94
CA ALA A 100 12.43 2.79 -4.07
C ALA A 100 13.11 1.45 -3.82
N GLY A 101 12.36 0.37 -3.95
CA GLY A 101 12.90 -0.97 -3.80
C GLY A 101 11.85 -1.98 -4.21
N THR A 102 12.30 -3.18 -4.55
CA THR A 102 11.38 -4.25 -4.95
C THR A 102 11.64 -5.50 -4.12
N ILE A 103 10.57 -6.19 -3.74
CA ILE A 103 10.69 -7.35 -2.87
C ILE A 103 11.25 -8.56 -3.61
N ASP A 104 12.32 -9.13 -3.07
CA ASP A 104 12.83 -10.41 -3.53
C ASP A 104 12.35 -11.48 -2.54
N HIS A 105 11.40 -12.30 -2.98
CA HIS A 105 10.75 -13.27 -2.10
C HIS A 105 11.65 -14.44 -1.73
N ASN A 106 12.75 -14.61 -2.46
CA ASN A 106 13.70 -15.66 -2.15
C ASN A 106 14.43 -15.37 -0.86
N ILE A 107 15.01 -14.17 -0.76
CA ILE A 107 15.80 -13.78 0.40
C ILE A 107 14.94 -13.29 1.55
N GLY A 108 13.70 -12.93 1.23
CA GLY A 108 12.82 -12.33 2.22
C GLY A 108 13.26 -10.91 2.51
N ASN A 109 13.58 -10.16 1.46
CA ASN A 109 13.93 -8.75 1.62
C ASN A 109 13.94 -7.98 0.30
N TYR A 110 14.26 -6.69 0.39
CA TYR A 110 14.21 -5.80 -0.76
C TYR A 110 15.47 -5.81 -1.61
N ILE A 111 15.28 -5.52 -2.90
CA ILE A 111 16.38 -5.06 -3.74
C ILE A 111 16.24 -3.56 -3.87
N TRP A 112 17.16 -2.82 -3.25
CA TRP A 112 17.00 -1.39 -3.06
C TRP A 112 17.51 -0.55 -4.22
N GLU A 113 16.76 0.50 -4.54
CA GLU A 113 17.20 1.51 -5.50
C GLU A 113 18.02 2.58 -4.77
N ILE A 114 17.67 2.80 -3.51
CA ILE A 114 18.38 3.77 -2.68
C ILE A 114 19.45 3.07 -1.86
N ASP A 115 20.32 3.86 -1.25
CA ASP A 115 21.37 3.33 -0.39
C ASP A 115 20.80 3.11 1.01
N ILE A 116 20.56 1.86 1.36
CA ILE A 116 19.91 1.55 2.63
C ILE A 116 20.81 1.92 3.82
N ASN A 117 22.10 2.06 3.59
CA ASN A 117 23.04 2.45 4.65
C ASN A 117 23.24 3.96 4.73
N ASN A 118 22.55 4.69 3.88
N ASN A 118 22.54 4.68 3.86
CA ASN A 118 22.58 6.15 3.94
CA ASN A 118 22.60 6.12 3.79
C ASN A 118 21.32 6.71 3.28
C ASN A 118 21.30 6.66 3.20
N VAL A 119 20.18 6.39 3.86
CA VAL A 119 18.88 6.76 3.31
C VAL A 119 18.79 8.27 3.17
N PRO A 120 18.46 8.75 1.95
CA PRO A 120 18.39 10.21 1.77
C PRO A 120 17.27 10.80 2.61
N GLU A 121 17.57 11.88 3.31
CA GLU A 121 16.58 12.52 4.18
C GLU A 121 15.36 12.97 3.39
N LEU A 122 15.56 13.28 2.11
CA LEU A 122 14.45 13.73 1.25
C LEU A 122 13.37 12.66 1.08
N PHE A 123 13.73 11.39 1.24
CA PHE A 123 12.74 10.33 1.17
C PHE A 123 11.71 10.54 2.28
N HIS A 124 12.20 10.79 3.49
CA HIS A 124 11.33 10.99 4.64
C HIS A 124 10.57 12.31 4.55
N LYS A 125 11.27 13.37 4.16
CA LYS A 125 10.62 14.67 4.05
C LYS A 125 9.50 14.60 3.02
N SER A 126 9.76 14.03 1.85
CA SER A 126 8.75 13.98 0.81
C SER A 126 7.62 13.02 1.17
N LEU A 127 7.92 11.87 1.77
CA LEU A 127 6.86 10.94 2.12
C LEU A 127 5.99 11.53 3.21
N GLY A 128 6.61 12.29 4.11
CA GLY A 128 5.87 12.98 5.15
C GLY A 128 4.83 13.93 4.56
N ARG A 129 5.25 14.71 3.57
CA ARG A 129 4.37 15.65 2.88
C ARG A 129 3.24 14.91 2.18
N VAL A 130 3.62 13.83 1.50
CA VAL A 130 2.68 13.00 0.74
C VAL A 130 1.60 12.39 1.65
N LEU A 131 2.03 11.76 2.74
CA LEU A 131 1.09 11.14 3.65
C LEU A 131 0.22 12.18 4.34
N ALA A 132 0.81 13.33 4.70
CA ALA A 132 0.07 14.40 5.34
C ALA A 132 -1.04 14.86 4.41
N GLU A 133 -0.73 15.03 3.13
CA GLU A 133 -1.75 15.43 2.18
C GLU A 133 -2.82 14.35 2.04
N LEU A 134 -2.38 13.11 1.82
CA LEU A 134 -3.31 12.00 1.64
C LEU A 134 -4.28 11.88 2.82
N HIS A 135 -3.74 11.92 4.03
CA HIS A 135 -4.52 11.64 5.22
C HIS A 135 -5.47 12.77 5.59
N SER A 136 -5.33 13.91 4.93
CA SER A 136 -6.21 15.05 5.16
C SER A 136 -7.27 15.21 4.08
N ILE A 137 -7.27 14.30 3.10
CA ILE A 137 -8.29 14.35 2.05
C ILE A 137 -9.68 14.23 2.68
N PRO A 138 -10.60 15.13 2.31
CA PRO A 138 -11.91 15.12 2.95
C PRO A 138 -12.84 14.07 2.36
N SER A 139 -12.60 12.81 2.69
CA SER A 139 -13.38 11.70 2.14
C SER A 139 -14.84 11.80 2.54
N ASN A 140 -15.11 12.46 3.66
CA ASN A 140 -16.48 12.67 4.13
C ASN A 140 -17.34 13.43 3.12
N LYS A 141 -16.73 14.18 2.22
CA LYS A 141 -17.50 15.01 1.28
C LYS A 141 -18.04 14.21 0.10
N ALA A 142 -17.64 12.95 -0.01
CA ALA A 142 -18.13 12.09 -1.09
C ALA A 142 -19.54 11.60 -0.75
N ALA A 143 -20.39 11.51 -1.77
CA ALA A 143 -21.81 11.20 -1.57
C ALA A 143 -22.10 9.72 -1.35
N ALA A 144 -21.23 8.84 -1.84
CA ALA A 144 -21.52 7.41 -1.80
C ALA A 144 -20.25 6.58 -1.86
N LEU A 145 -19.50 6.62 -0.77
CA LEU A 145 -18.25 5.90 -0.66
C LEU A 145 -18.50 4.47 -0.19
N ASP A 146 -17.79 3.51 -0.77
CA ASP A 146 -17.93 2.12 -0.36
C ASP A 146 -16.68 1.66 0.38
N LEU A 147 -15.72 2.56 0.55
CA LEU A 147 -14.56 2.32 1.38
C LEU A 147 -14.98 1.99 2.80
N VAL A 148 -14.18 1.17 3.47
CA VAL A 148 -14.32 0.97 4.89
C VAL A 148 -13.99 2.29 5.58
N VAL A 149 -14.86 2.74 6.46
CA VAL A 149 -14.65 3.99 7.18
C VAL A 149 -14.75 3.76 8.69
N HIS A 150 -13.66 4.04 9.40
CA HIS A 150 -13.63 3.91 10.83
C HIS A 150 -13.51 5.28 11.51
N THR A 151 -14.29 5.47 12.56
CA THR A 151 -13.98 6.51 13.54
C THR A 151 -12.81 5.97 14.35
N PRO A 152 -12.13 6.83 15.13
CA PRO A 152 -11.03 6.34 15.97
C PRO A 152 -11.43 5.16 16.86
N GLU A 153 -12.61 5.23 17.49
CA GLU A 153 -13.05 4.14 18.34
C GLU A 153 -13.24 2.86 17.54
N GLU A 154 -13.78 3.00 16.34
CA GLU A 154 -14.01 1.85 15.46
C GLU A 154 -12.70 1.23 14.98
N ALA A 155 -11.68 2.05 14.81
CA ALA A 155 -10.37 1.56 14.35
C ALA A 155 -9.75 0.70 15.44
N ARG A 156 -9.96 1.09 16.69
CA ARG A 156 -9.43 0.37 17.84
C ARG A 156 -10.14 -0.97 17.98
N MET A 157 -11.46 -0.95 17.81
CA MET A 157 -12.26 -2.16 17.92
C MET A 157 -11.98 -3.12 16.76
N SER A 158 -11.68 -2.57 15.59
CA SER A 158 -11.34 -3.39 14.44
C SER A 158 -10.10 -4.24 14.75
N MET A 159 -9.08 -3.61 15.31
CA MET A 159 -7.87 -4.33 15.67
C MET A 159 -8.18 -5.39 16.72
N LYS A 160 -9.00 -5.01 17.70
CA LYS A 160 -9.40 -5.93 18.76
C LYS A 160 -10.06 -7.18 18.17
N GLN A 161 -10.99 -6.97 17.26
CA GLN A 161 -11.74 -8.07 16.63
C GLN A 161 -10.84 -8.90 15.71
N ARG A 162 -9.99 -8.23 14.94
CA ARG A 162 -9.08 -8.93 14.03
C ARG A 162 -8.14 -9.84 14.81
N MET A 163 -7.70 -9.37 15.98
CA MET A 163 -6.80 -10.12 16.82
C MET A 163 -7.48 -11.36 17.37
N ASP A 164 -8.72 -11.22 17.83
CA ASP A 164 -9.47 -12.36 18.34
C ASP A 164 -9.64 -13.42 17.27
N ALA A 165 -9.95 -12.96 16.06
CA ALA A 165 -10.14 -13.85 14.92
C ALA A 165 -8.88 -14.67 14.68
N VAL A 166 -7.72 -14.04 14.89
CA VAL A 166 -6.43 -14.71 14.68
C VAL A 166 -6.10 -15.66 15.84
N ARG A 167 -6.43 -15.27 17.07
CA ARG A 167 -6.24 -16.15 18.21
C ARG A 167 -7.03 -17.44 18.01
N ALA A 168 -8.09 -17.37 17.21
CA ALA A 168 -9.03 -18.48 17.09
C ALA A 168 -8.89 -19.31 15.82
N LYS A 169 -8.26 -18.75 14.79
CA LYS A 169 -8.05 -19.51 13.55
C LYS A 169 -6.68 -20.19 13.54
N PHE A 170 -5.67 -19.49 14.06
CA PHE A 170 -4.31 -20.02 14.09
C PHE A 170 -3.84 -20.36 15.49
N GLY A 171 -4.44 -19.71 16.49
CA GLY A 171 -3.89 -19.75 17.83
C GLY A 171 -2.74 -18.77 17.88
N VAL A 172 -2.54 -18.14 19.03
CA VAL A 172 -1.50 -17.12 19.16
C VAL A 172 -0.68 -17.33 20.42
N GLY A 173 0.64 -17.19 20.27
CA GLY A 173 1.55 -17.33 21.39
C GLY A 173 1.10 -16.49 22.57
N GLU A 174 1.20 -17.05 23.77
CA GLU A 174 0.71 -16.38 24.97
C GLU A 174 1.36 -15.02 25.18
N ASN A 175 2.69 -14.98 25.16
CA ASN A 175 3.42 -13.74 25.38
C ASN A 175 3.07 -12.65 24.37
N LEU A 176 2.97 -13.04 23.11
CA LEU A 176 2.64 -12.10 22.05
C LEU A 176 1.23 -11.56 22.25
N TRP A 177 0.31 -12.44 22.62
CA TRP A 177 -1.08 -12.04 22.82
C TRP A 177 -1.21 -10.98 23.90
N ASN A 178 -0.47 -11.14 24.99
CA ASN A 178 -0.60 -10.22 26.12
C ASN A 178 0.00 -8.84 25.83
N ARG A 179 1.03 -8.77 24.99
CA ARG A 179 1.54 -7.48 24.57
C ARG A 179 0.44 -6.76 23.80
N TRP A 180 -0.21 -7.48 22.91
CA TRP A 180 -1.30 -6.94 22.09
C TRP A 180 -2.41 -6.36 22.96
N GLN A 181 -2.87 -7.11 23.95
CA GLN A 181 -3.96 -6.68 24.81
C GLN A 181 -3.58 -5.45 25.63
N ALA A 182 -2.32 -5.39 26.06
CA ALA A 182 -1.84 -4.23 26.81
C ALA A 182 -1.93 -2.99 25.93
N TRP A 183 -1.66 -3.17 24.64
CA TRP A 183 -1.73 -2.09 23.66
C TRP A 183 -3.17 -1.61 23.50
N LEU A 184 -4.06 -2.56 23.27
CA LEU A 184 -5.48 -2.26 23.07
C LEU A 184 -6.08 -1.49 24.23
N ASN A 185 -5.66 -1.80 25.44
CA ASN A 185 -6.27 -1.22 26.64
C ASN A 185 -5.62 0.09 27.08
N ASP A 186 -4.65 0.57 26.31
CA ASP A 186 -3.96 1.81 26.65
C ASP A 186 -4.64 2.98 25.93
N ASP A 187 -5.68 3.52 26.57
CA ASP A 187 -6.50 4.57 25.96
C ASP A 187 -5.65 5.71 25.41
N ASP A 188 -4.66 6.13 26.18
CA ASP A 188 -3.89 7.32 25.84
C ASP A 188 -3.01 7.11 24.62
N MET A 189 -2.60 5.87 24.38
CA MET A 189 -1.70 5.58 23.26
C MET A 189 -2.43 5.63 21.92
N TRP A 190 -3.73 5.34 21.93
CA TRP A 190 -4.48 5.23 20.67
C TRP A 190 -4.82 6.59 20.06
N PRO A 191 -4.72 6.69 18.74
CA PRO A 191 -5.03 7.93 18.02
C PRO A 191 -6.49 8.34 18.24
N LYS A 192 -6.76 9.64 18.19
CA LYS A 192 -8.10 10.15 18.37
C LYS A 192 -8.62 10.74 17.06
N LYS A 193 -7.99 10.35 15.96
CA LYS A 193 -8.39 10.80 14.64
C LYS A 193 -8.00 9.75 13.60
N THR A 194 -8.81 9.64 12.54
CA THR A 194 -8.52 8.73 11.44
C THR A 194 -8.48 9.52 10.14
N GLY A 195 -8.12 8.85 9.05
CA GLY A 195 -8.07 9.49 7.74
C GLY A 195 -7.97 8.48 6.63
N LEU A 196 -8.10 8.96 5.39
CA LEU A 196 -7.91 8.13 4.22
C LEU A 196 -6.46 7.69 4.14
N ILE A 197 -6.23 6.38 4.18
CA ILE A 197 -4.89 5.82 4.05
C ILE A 197 -4.72 5.04 2.75
N HIS A 198 -3.47 4.85 2.37
CA HIS A 198 -3.11 4.03 1.21
C HIS A 198 -3.27 2.55 1.58
N GLY A 199 -2.72 2.18 2.74
CA GLY A 199 -2.96 0.85 3.31
C GLY A 199 -1.95 -0.23 2.95
N ASP A 200 -1.09 0.09 1.99
CA ASP A 200 -0.03 -0.81 1.53
C ASP A 200 1.21 0.01 1.12
N VAL A 201 1.57 0.95 1.98
CA VAL A 201 2.71 1.81 1.71
C VAL A 201 3.97 1.03 1.99
N HIS A 202 4.76 0.82 0.95
CA HIS A 202 6.07 0.23 1.10
C HIS A 202 6.92 0.56 -0.14
N ALA A 203 8.20 0.23 -0.10
CA ALA A 203 9.15 0.68 -1.11
C ALA A 203 8.72 0.34 -2.52
N GLY A 204 8.02 -0.79 -2.67
CA GLY A 204 7.60 -1.26 -3.98
C GLY A 204 6.47 -0.44 -4.56
N HIS A 205 5.81 0.34 -3.72
CA HIS A 205 4.67 1.14 -4.14
C HIS A 205 4.94 2.64 -4.09
N THR A 206 6.10 3.02 -3.55
CA THR A 206 6.54 4.41 -3.52
C THR A 206 7.48 4.69 -4.68
N MET A 207 7.01 5.46 -5.66
CA MET A 207 7.83 5.84 -6.80
C MET A 207 8.68 7.04 -6.41
N ILE A 208 9.97 6.98 -6.71
CA ILE A 208 10.89 8.06 -6.37
C ILE A 208 11.63 8.60 -7.60
N ASP A 209 12.03 9.86 -7.52
CA ASP A 209 12.88 10.44 -8.54
C ASP A 209 14.36 10.20 -8.21
N LYS A 210 15.25 10.80 -8.99
CA LYS A 210 16.69 10.57 -8.85
C LYS A 210 17.24 11.05 -7.50
N ASP A 211 16.50 11.92 -6.84
CA ASP A 211 16.93 12.47 -5.55
C ASP A 211 16.21 11.80 -4.38
N ALA A 212 15.47 10.74 -4.68
CA ALA A 212 14.76 9.96 -3.69
C ALA A 212 13.56 10.69 -3.10
N ASN A 213 13.04 11.69 -3.80
CA ASN A 213 11.74 12.27 -3.46
C ASN A 213 10.65 11.30 -3.87
N VAL A 214 9.69 11.04 -2.98
CA VAL A 214 8.54 10.24 -3.32
C VAL A 214 7.61 11.10 -4.17
N THR A 215 7.43 10.70 -5.43
CA THR A 215 6.67 11.48 -6.39
C THR A 215 5.34 10.81 -6.73
N GLY A 216 5.18 9.56 -6.33
CA GLY A 216 3.95 8.86 -6.65
C GLY A 216 3.72 7.62 -5.80
N LEU A 217 2.46 7.18 -5.76
CA LEU A 217 2.07 5.97 -5.05
C LEU A 217 1.22 5.09 -5.96
N ILE A 218 1.55 3.81 -6.05
CA ILE A 218 0.75 2.87 -6.83
C ILE A 218 0.08 1.83 -5.93
N ASP A 219 -0.85 1.08 -6.54
CA ASP A 219 -1.53 -0.05 -5.90
C ASP A 219 -2.33 0.36 -4.66
N TRP A 220 -3.53 0.86 -4.92
CA TRP A 220 -4.39 1.42 -3.87
C TRP A 220 -5.49 0.47 -3.39
N THR A 221 -5.30 -0.83 -3.62
N THR A 221 -5.29 -0.83 -3.61
CA THR A 221 -6.33 -1.82 -3.28
CA THR A 221 -6.30 -1.83 -3.28
C THR A 221 -6.68 -1.85 -1.80
C THR A 221 -6.68 -1.84 -1.80
N GLU A 222 -5.76 -1.42 -0.95
CA GLU A 222 -5.97 -1.47 0.51
C GLU A 222 -6.45 -0.16 1.10
N ALA A 223 -6.79 0.81 0.25
CA ALA A 223 -7.26 2.11 0.72
C ALA A 223 -8.52 2.00 1.58
N LYS A 224 -8.56 2.80 2.63
CA LYS A 224 -9.71 2.86 3.52
C LYS A 224 -9.52 4.05 4.43
N VAL A 225 -10.53 4.36 5.24
CA VAL A 225 -10.43 5.45 6.20
C VAL A 225 -10.29 4.86 7.59
N THR A 226 -9.11 5.01 8.18
CA THR A 226 -8.84 4.37 9.45
C THR A 226 -7.60 4.97 10.10
N ASP A 227 -7.02 4.25 11.05
CA ASP A 227 -5.78 4.67 11.71
C ASP A 227 -4.71 4.94 10.65
N VAL A 228 -4.12 6.14 10.69
CA VAL A 228 -3.11 6.54 9.71
C VAL A 228 -1.80 5.78 9.91
N SER A 229 -1.68 5.17 11.08
CA SER A 229 -0.44 4.52 11.49
C SER A 229 0.06 3.44 10.54
N HIS A 230 -0.85 2.77 9.84
CA HIS A 230 -0.44 1.70 8.93
C HIS A 230 0.52 2.19 7.85
N ASP A 231 0.40 3.45 7.47
CA ASP A 231 1.23 3.99 6.39
C ASP A 231 2.64 4.37 6.87
N PHE A 232 2.92 4.18 8.16
CA PHE A 232 4.24 4.46 8.74
C PHE A 232 5.03 3.21 9.04
N ILE A 233 4.40 2.05 8.92
CA ILE A 233 5.02 0.80 9.36
C ILE A 233 6.23 0.46 8.49
N PHE A 234 6.12 0.70 7.19
CA PHE A 234 7.23 0.43 6.28
C PHE A 234 8.49 1.15 6.73
N ASN A 235 8.36 2.44 7.06
CA ASN A 235 9.54 3.18 7.47
C ASN A 235 10.23 2.55 8.68
N TYR A 236 9.44 2.07 9.63
CA TYR A 236 9.99 1.44 10.81
C TYR A 236 10.68 0.13 10.44
N ARG A 237 10.01 -0.71 9.66
CA ARG A 237 10.57 -2.04 9.35
C ARG A 237 11.81 -1.96 8.45
N ALA A 238 11.80 -1.04 7.49
CA ALA A 238 12.92 -0.93 6.55
C ALA A 238 14.07 -0.12 7.12
N PHE A 239 13.76 0.95 7.84
CA PHE A 239 14.78 1.94 8.23
C PHE A 239 15.02 2.01 9.74
N GLY A 240 14.29 1.20 10.50
CA GLY A 240 14.41 1.21 11.95
C GLY A 240 13.83 2.46 12.58
N GLU A 241 14.07 2.63 13.87
N GLU A 241 14.06 2.64 13.88
CA GLU A 241 13.47 3.72 14.63
CA GLU A 241 13.45 3.74 14.62
C GLU A 241 13.85 5.10 14.09
C GLU A 241 13.83 5.10 14.04
N GLU A 242 15.04 5.22 13.50
CA GLU A 242 15.50 6.49 12.95
C GLU A 242 14.64 6.92 11.77
N GLY A 243 14.35 5.97 10.88
CA GLY A 243 13.52 6.25 9.72
C GLY A 243 12.08 6.53 10.11
N LEU A 244 11.62 5.87 11.16
CA LEU A 244 10.26 6.11 11.65
C LEU A 244 10.16 7.52 12.23
N GLU A 245 11.11 7.89 13.07
N GLU A 245 11.12 7.88 13.07
CA GLU A 245 11.13 9.22 13.67
CA GLU A 245 11.14 9.21 13.68
C GLU A 245 11.21 10.29 12.60
C GLU A 245 11.22 10.30 12.61
N ALA A 246 12.03 10.07 11.59
CA ALA A 246 12.20 11.04 10.50
C ALA A 246 10.88 11.27 9.77
N LEU A 247 10.11 10.21 9.57
CA LEU A 247 8.84 10.33 8.87
C LEU A 247 7.82 11.04 9.73
N ILE A 248 7.71 10.63 10.99
CA ILE A 248 6.83 11.28 11.94
C ILE A 248 7.13 12.77 12.04
N LEU A 249 8.42 13.12 12.08
CA LEU A 249 8.84 14.51 12.19
C LEU A 249 8.32 15.34 11.02
N ALA A 250 8.59 14.86 9.80
CA ALA A 250 8.20 15.58 8.60
C ALA A 250 6.70 15.75 8.53
N TYR A 251 6.00 14.66 8.82
CA TYR A 251 4.54 14.60 8.80
C TYR A 251 3.93 15.61 9.77
N LYS A 252 4.40 15.58 11.02
N LYS A 252 4.40 15.58 11.02
CA LYS A 252 3.93 16.49 12.06
CA LYS A 252 3.94 16.48 12.05
C LYS A 252 4.17 17.94 11.69
C LYS A 252 4.17 17.94 11.69
N GLU A 253 5.35 18.24 11.16
CA GLU A 253 5.75 19.62 10.91
C GLU A 253 5.08 20.25 9.69
N ILE A 254 4.48 19.44 8.84
CA ILE A 254 3.73 19.99 7.71
C ILE A 254 2.23 19.93 7.97
N GLY A 255 1.84 19.52 9.17
CA GLY A 255 0.46 19.62 9.59
C GLY A 255 -0.29 18.30 9.74
N GLY A 256 0.42 17.19 9.60
CA GLY A 256 -0.18 15.89 9.80
C GLY A 256 -0.66 15.71 11.23
N TYR A 257 -1.65 14.84 11.41
CA TYR A 257 -2.17 14.54 12.73
C TYR A 257 -1.09 13.93 13.61
N TYR A 258 -0.88 14.53 14.77
CA TYR A 258 0.13 14.05 15.69
C TYR A 258 -0.40 13.99 17.12
N TRP A 259 0.01 12.95 17.85
CA TRP A 259 -0.29 12.85 19.27
C TRP A 259 0.95 12.33 20.00
N PRO A 260 1.07 12.64 21.30
CA PRO A 260 2.29 12.40 22.07
C PRO A 260 2.84 10.98 21.96
N LYS A 261 1.98 9.98 21.88
CA LYS A 261 2.43 8.59 21.87
C LYS A 261 2.35 7.95 20.49
N MET A 262 2.41 8.79 19.45
CA MET A 262 2.29 8.31 18.08
C MET A 262 3.35 7.28 17.74
N LYS A 263 4.61 7.57 18.08
CA LYS A 263 5.69 6.65 17.78
C LYS A 263 5.52 5.33 18.53
N GLU A 264 5.17 5.43 19.81
CA GLU A 264 4.98 4.24 20.63
C GLU A 264 3.83 3.39 20.06
N HIS A 265 2.79 4.06 19.60
CA HIS A 265 1.63 3.38 19.05
C HIS A 265 1.99 2.62 17.78
N ILE A 266 2.75 3.26 16.90
CA ILE A 266 3.18 2.64 15.65
C ILE A 266 4.05 1.42 15.93
N ILE A 267 4.90 1.52 16.94
CA ILE A 267 5.75 0.40 17.30
C ILE A 267 4.89 -0.77 17.80
N GLU A 268 3.82 -0.48 18.54
CA GLU A 268 2.93 -1.54 18.98
C GLU A 268 2.18 -2.13 17.78
N LEU A 269 1.78 -1.28 16.84
CA LEU A 269 1.14 -1.75 15.62
C LEU A 269 2.08 -2.67 14.86
N ASN A 270 3.36 -2.34 14.85
CA ASN A 270 4.36 -3.20 14.24
C ASN A 270 4.44 -4.58 14.93
N ALA A 271 4.29 -4.60 16.24
CA ALA A 271 4.27 -5.85 16.98
C ALA A 271 3.05 -6.69 16.60
N ALA A 272 2.04 -6.06 16.01
CA ALA A 272 0.82 -6.74 15.57
C ALA A 272 0.89 -7.15 14.09
N TYR A 273 2.07 -6.96 13.49
CA TYR A 273 2.36 -7.42 12.13
C TYR A 273 1.86 -8.84 11.84
N PRO A 274 2.00 -9.76 12.82
CA PRO A 274 1.54 -11.15 12.58
C PRO A 274 0.06 -11.26 12.23
N VAL A 275 -0.76 -10.34 12.71
CA VAL A 275 -2.19 -10.36 12.43
C VAL A 275 -2.41 -10.29 10.92
N SER A 276 -1.68 -9.40 10.26
CA SER A 276 -1.81 -9.21 8.82
C SER A 276 -1.29 -10.41 8.04
N ILE A 277 -0.17 -10.99 8.50
CA ILE A 277 0.38 -12.16 7.83
C ILE A 277 -0.60 -13.32 7.94
N ALA A 278 -1.18 -13.48 9.12
CA ALA A 278 -2.16 -14.53 9.37
C ALA A 278 -3.38 -14.38 8.45
N GLU A 279 -3.86 -13.15 8.32
CA GLU A 279 -5.01 -12.86 7.48
C GLU A 279 -4.73 -13.13 6.00
N PHE A 280 -3.55 -12.74 5.54
CA PHE A 280 -3.20 -12.94 4.14
C PHE A 280 -3.04 -14.43 3.86
N ALA A 281 -2.56 -15.16 4.86
CA ALA A 281 -2.46 -16.62 4.77
C ALA A 281 -3.84 -17.21 4.63
N LEU A 282 -4.74 -16.84 5.53
CA LEU A 282 -6.11 -17.34 5.52
C LEU A 282 -6.78 -17.04 4.19
N VAL A 283 -6.58 -15.82 3.71
CA VAL A 283 -7.22 -15.39 2.48
C VAL A 283 -6.57 -16.04 1.25
N SER A 284 -5.29 -15.79 1.05
CA SER A 284 -4.58 -16.34 -0.10
C SER A 284 -4.46 -17.86 -0.04
N GLY A 285 -4.22 -18.39 1.17
CA GLY A 285 -4.13 -19.83 1.38
C GLY A 285 -2.74 -20.39 1.15
N ILE A 286 -1.74 -19.52 1.12
CA ILE A 286 -0.39 -19.91 0.73
C ILE A 286 0.45 -20.34 1.94
N GLU A 287 1.06 -21.53 1.83
CA GLU A 287 1.73 -22.15 2.96
C GLU A 287 2.81 -21.26 3.56
N GLU A 288 3.66 -20.71 2.70
CA GLU A 288 4.75 -19.85 3.17
C GLU A 288 4.20 -18.81 4.13
N TYR A 289 3.11 -18.16 3.74
CA TYR A 289 2.45 -17.19 4.61
C TYR A 289 1.87 -17.89 5.83
N GLU A 290 1.34 -19.08 5.61
CA GLU A 290 0.87 -19.95 6.69
C GLU A 290 1.97 -20.13 7.73
N GLN A 291 3.08 -20.71 7.30
CA GLN A 291 4.22 -20.94 8.19
C GLN A 291 4.76 -19.62 8.68
N MET A 292 4.88 -18.65 7.78
CA MET A 292 5.35 -17.32 8.15
C MET A 292 4.47 -16.78 9.28
N ALA A 293 3.16 -16.96 9.13
CA ALA A 293 2.20 -16.55 10.14
C ALA A 293 2.42 -17.38 11.39
N LYS A 294 2.45 -18.71 11.23
CA LYS A 294 2.65 -19.62 12.34
C LYS A 294 3.89 -19.24 13.16
N GLU A 295 5.00 -18.92 12.50
CA GLU A 295 6.21 -18.49 13.19
C GLU A 295 5.98 -17.11 13.81
N ALA A 296 5.44 -16.20 13.01
CA ALA A 296 5.21 -14.83 13.44
C ALA A 296 4.27 -14.82 14.64
N LEU A 297 3.24 -15.66 14.58
CA LEU A 297 2.24 -15.73 15.64
C LEU A 297 2.81 -16.45 16.86
N GLU A 298 3.94 -17.12 16.67
CA GLU A 298 4.62 -17.82 17.76
C GLU A 298 3.78 -18.95 18.31
N VAL A 299 3.10 -19.68 17.42
CA VAL A 299 2.29 -20.82 17.82
C VAL A 299 3.18 -22.06 18.01
MG MG B . 1.46 -4.29 -5.65
C ACT C . -8.11 -6.43 -11.84
O ACT C . -8.50 -7.31 -11.05
OXT ACT C . -8.31 -6.62 -13.06
CH3 ACT C . -7.42 -5.19 -11.35
H1 ACT C . -7.17 -4.56 -12.19
H2 ACT C . -6.52 -5.46 -10.81
H3 ACT C . -8.09 -4.64 -10.67
PB GDP D . -0.36 -5.98 -7.57
O1B GDP D . -1.48 -5.44 -6.71
O2B GDP D . 0.92 -6.07 -6.79
O3B GDP D . -0.74 -7.37 -8.04
O3A GDP D . -0.15 -5.05 -8.86
PA GDP D . 0.38 -3.54 -8.75
O1A GDP D . 1.13 -3.29 -7.46
O2A GDP D . -0.70 -2.52 -8.96
O5' GDP D . 1.40 -3.56 -9.99
C5' GDP D . 2.22 -4.71 -10.13
C4' GDP D . 3.65 -4.26 -10.35
O4' GDP D . 3.73 -3.50 -11.56
C3' GDP D . 4.13 -3.35 -9.23
O3' GDP D . 4.76 -4.08 -8.16
C2' GDP D . 5.11 -2.42 -9.92
O2' GDP D . 6.45 -2.90 -9.89
C1' GDP D . 4.64 -2.41 -11.37
N9 GDP D . 3.98 -1.11 -11.62
C8 GDP D . 2.65 -0.85 -11.62
N7 GDP D . 2.44 0.47 -11.88
C5 GDP D . 3.64 1.06 -12.03
C6 GDP D . 4.12 2.43 -12.32
O6 GDP D . 3.32 3.37 -12.48
N1 GDP D . 5.46 2.62 -12.40
C2 GDP D . 6.34 1.61 -12.22
N2 GDP D . 7.67 1.87 -12.32
N3 GDP D . 5.96 0.34 -11.96
C4 GDP D . 4.64 0.01 -11.85
H5' GDP D . 2.15 -5.33 -9.23
H5'' GDP D . 1.88 -5.30 -10.98
H4' GDP D . 4.30 -5.14 -10.42
H3' GDP D . 3.28 -2.77 -8.85
HO3' GDP D . 5.01 -3.46 -7.47
H2' GDP D . 5.03 -1.41 -9.50
HO2' GDP D . 6.74 -2.98 -8.98
H1' GDP D . 5.51 -2.52 -12.03
H8 GDP D . 1.88 -1.58 -11.45
HN1 GDP D . 5.82 3.57 -12.59
HN21 GDP D . 7.98 2.80 -12.51
HN22 GDP D . 8.33 1.13 -12.19
C10 ERY E . 8.96 -9.67 3.04
C11 ERY E . 9.29 -8.63 4.09
C12 ERY E . 10.52 -7.74 3.87
C13 ERY E . 10.43 -6.52 4.72
O2 ERY E . 9.34 -5.77 4.25
C2 ERY E . 7.19 -4.52 4.51
C3 ERY E . 5.86 -5.26 4.60
C4 ERY E . 5.59 -6.00 3.31
C5 ERY E . 4.59 -7.15 3.45
C6 ERY E . 5.25 -8.50 3.70
C7 ERY E . 5.83 -9.04 2.39
C8 ERY E . 6.43 -10.43 2.49
C9 ERY E . 7.68 -10.47 3.38
O11 ERY E . 7.64 -11.16 4.38
C1 ERY E . 8.31 -5.35 5.13
O1 ERY E . 8.28 -5.73 6.29
O3 ERY E . 4.82 -4.36 4.87
O7 ERY E . 3.73 -7.21 2.37
C34 ERY E . 10.06 -10.62 2.75
C33 ERY E . 6.79 -10.90 1.14
C35 ERY E . 10.63 -7.34 2.41
O12 ERY E . 9.43 -9.32 5.27
O13 ERY E . 11.69 -8.40 4.24
C36 ERY E . 11.65 -5.61 4.74
C30 ERY E . 7.18 -3.20 5.19
C32 ERY E . 4.24 -9.45 4.23
O10 ERY E . 6.24 -8.34 4.63
C22 ERY E . 2.28 -7.00 2.54
C23 ERY E . 1.64 -6.87 1.25
C24 ERY E . 0.18 -6.66 1.44
C25 ERY E . -0.40 -7.86 2.21
C26 ERY E . 0.45 -7.90 3.53
O9 ERY E . 1.78 -8.03 3.25
N1 ERY E . -0.51 -6.40 0.18
C27 ERY E . 0.02 -9.04 4.34
O8 ERY E . 2.20 -5.78 0.54
C28 ERY E . -1.95 -6.07 0.32
C14 ERY E . 4.35 -4.19 6.19
C15 ERY E . 3.56 -2.91 6.29
C16 ERY E . 2.11 -3.02 5.79
C17 ERY E . 1.50 -4.24 6.38
C18 ERY E . 2.34 -5.44 6.09
O4 ERY E . 3.65 -5.29 6.60
O5 ERY E . 2.17 -3.16 4.38
O6 ERY E . 0.22 -4.44 5.86
C20 ERY E . 2.79 -2.24 3.50
C29 ERY E . -0.26 -7.40 -0.80
C21 ERY E . 1.71 -6.63 6.75
C37 ERY E . 11.42 -4.43 5.66
C31 ERY E . 5.10 -5.05 2.26
C19 ERY E . 1.42 -1.75 6.14
H10 ERY E . 8.78 -9.18 2.22
H11 ERY E . 8.51 -8.05 4.18
H13 ERY E . 10.23 -6.80 5.63
H2 ERY E . 7.42 -4.37 3.59
H3 ERY E . 5.91 -5.91 5.32
H4 ERY E . 6.44 -6.37 3.00
H5 ERY E . 4.06 -6.97 4.25
H71 ERY E . 5.14 -9.05 1.72
H72 ERY E . 6.53 -8.43 2.09
H8 ERY E . 5.78 -11.04 2.86
H341 ERY E . 10.73 -10.18 2.18
H342 ERY E . 10.48 -10.89 3.60
H343 ERY E . 9.71 -11.40 2.31
H331 ERY E . 7.33 -11.72 1.21
H332 ERY E . 5.97 -11.09 0.64
H333 ERY E . 7.30 -10.21 0.68
H351 ERY E . 10.98 -8.09 1.88
H352 ERY E . 11.25 -6.58 2.32
H353 ERY E . 9.76 -7.08 2.06
HO12 ERY E . 10.28 -9.56 5.37
HO13 ERY E . 12.40 -7.91 3.99
H361 ERY E . 12.44 -6.09 5.03
H362 ERY E . 11.81 -5.28 3.84
H301 ERY E . 6.96 -3.31 6.12
H302 ERY E . 8.06 -2.80 5.11
H303 ERY E . 6.52 -2.62 4.75
H321 ERY E . 3.70 -9.02 4.94
H322 ERY E . 3.64 -9.73 3.51
H323 ERY E . 4.68 -10.24 4.62
HO10 ERY E . 6.00 -8.68 5.40
H22 ERY E . 2.15 -6.18 3.04
H23 ERY E . 1.77 -7.68 0.74
H24 ERY E . 0.05 -5.88 2.00
H251 ERY E . -1.35 -7.72 2.42
H252 ERY E . -0.27 -8.69 1.73
H26 ERY E . 0.30 -7.09 4.03
H271 ERY E . 0.59 -9.13 5.12
H272 ERY E . 0.08 -9.86 3.81
H273 ERY E . -0.91 -8.91 4.62
HO8 ERY E . 2.22 -5.97 -0.33
H281 ERY E . -1.70 -5.29 -0.21
H282 ERY E . -2.00 -7.03 0.11
H283 ERY E . -2.69 -6.06 -0.33
H14 ERY E . 5.12 -4.10 6.78
H151 ERY E . 3.54 -2.64 7.21
H152 ERY E . 4.02 -2.22 5.77
H17 ERY E . 1.45 -4.13 7.32
H18 ERY E . 2.38 -5.60 5.15
HO6 ERY E . -0.36 -4.05 6.39
H201 ERY E . 2.44 -2.35 2.60
H202 ERY E . 2.61 -1.32 3.81
H203 ERY E . 3.75 -2.38 3.50
H291 ERY E . -0.78 -7.22 -1.62
H292 ERY E . 0.69 -7.42 -1.03
H293 ERY E . -0.51 -8.28 -0.45
H211 ERY E . 1.70 -6.50 7.71
H212 ERY E . 2.24 -7.44 6.53
H213 ERY E . 0.80 -6.75 6.41
H371 ERY E . 10.97 -3.72 5.17
H372 ERY E . 12.28 -4.10 5.98
H373 ERY E . 10.88 -4.71 6.43
H311 ERY E . 5.68 -4.24 2.24
H312 ERY E . 4.19 -4.78 2.46
H313 ERY E . 5.13 -5.47 1.39
H191 ERY E . 0.61 -1.67 5.59
H192 ERY E . 1.99 -0.98 5.98
H193 ERY E . 1.16 -1.77 7.08
#